data_3R0Y
#
_entry.id   3R0Y
#
_cell.length_a   45.637
_cell.length_b   45.637
_cell.length_c   102.005
_cell.angle_alpha   90.00
_cell.angle_beta   90.00
_cell.angle_gamma   90.00
#
_symmetry.space_group_name_H-M   'P 41'
#
loop_
_entity.id
_entity.type
_entity.pdbx_description
1 polymer 'Multidrug-resistant clinical isolate 769 HIV-1 Protease'
2 non-polymer N-[(2S)-1-{[(2S,3S)-3-hydroxy-5-oxo-5-{[(2R)-1-oxo-3-phenyl-1-(prop-2-yn-1-ylamino)propan-2-yl]amino}-1-phenylpentan-2-yl]amino}-3-methyl-1-oxobutan-2-yl]pyridine-2-carboxamide
3 water water
#
_entity_poly.entity_id   1
_entity_poly.type   'polypeptide(L)'
_entity_poly.pdbx_seq_one_letter_code
;PQITLWQRPIVTIKIGGQLKEALLNTGADDTVLEEVNLPGRWKPKLIGGIGGFVKVRQYDQVPIEICGHKVIGTVLVGPT
PTNVIGRNLMTQIGCTLNF
;
_entity_poly.pdbx_strand_id   A,B
#
# COMPACT_ATOMS: atom_id res chain seq x y z
N PRO A 1 18.48 -0.22 -1.77
CA PRO A 1 18.12 -0.63 -3.12
C PRO A 1 17.09 0.31 -3.73
N GLN A 2 16.97 0.28 -5.05
CA GLN A 2 15.88 0.94 -5.74
C GLN A 2 14.98 -0.18 -6.27
N ILE A 3 13.71 -0.11 -5.88
CA ILE A 3 12.76 -1.19 -6.14
C ILE A 3 11.70 -0.67 -7.11
N THR A 4 11.61 -1.29 -8.29
CA THR A 4 10.58 -0.91 -9.21
C THR A 4 9.34 -1.69 -8.87
N LEU A 5 8.20 -1.24 -9.40
CA LEU A 5 6.94 -1.74 -8.91
C LEU A 5 6.20 -2.63 -9.90
N TRP A 6 6.94 -3.22 -10.84
CA TRP A 6 6.32 -4.16 -11.79
C TRP A 6 5.81 -5.44 -11.12
N GLN A 7 6.48 -5.86 -10.03
CA GLN A 7 6.02 -6.97 -9.19
C GLN A 7 5.74 -6.41 -7.79
N ARG A 8 5.09 -7.22 -6.95
CA ARG A 8 4.87 -6.84 -5.55
C ARG A 8 6.20 -6.64 -4.83
N PRO A 9 6.36 -5.51 -4.10
CA PRO A 9 7.61 -5.24 -3.41
C PRO A 9 7.76 -6.04 -2.10
N ILE A 10 8.03 -7.32 -2.28
CA ILE A 10 8.22 -8.25 -1.16
C ILE A 10 9.70 -8.30 -0.81
N VAL A 11 10.00 -8.07 0.46
CA VAL A 11 11.37 -8.07 0.94
C VAL A 11 11.54 -9.08 2.10
N THR A 12 12.78 -9.44 2.36
CA THR A 12 13.10 -10.29 3.50
C THR A 12 13.31 -9.43 4.73
N ILE A 13 12.78 -9.92 5.85
CA ILE A 13 12.96 -9.23 7.13
C ILE A 13 13.48 -10.24 8.14
N LYS A 14 14.10 -9.73 9.20
CA LYS A 14 14.42 -10.57 10.36
C LYS A 14 13.75 -9.96 11.56
N ILE A 15 12.93 -10.76 12.22
CA ILE A 15 12.24 -10.31 13.41
C ILE A 15 12.03 -11.47 14.38
N GLY A 16 12.20 -11.18 15.68
CA GLY A 16 12.01 -12.20 16.72
C GLY A 16 12.89 -13.42 16.50
N GLY A 17 14.05 -13.21 15.92
CA GLY A 17 14.94 -14.33 15.59
C GLY A 17 14.51 -15.19 14.42
N GLN A 18 13.56 -14.72 13.63
CA GLN A 18 13.03 -15.47 12.49
C GLN A 18 13.26 -14.70 11.20
N LEU A 19 13.43 -15.42 10.10
CA LEU A 19 13.42 -14.80 8.78
C LEU A 19 12.02 -14.92 8.21
N LYS A 20 11.51 -13.81 7.68
CA LYS A 20 10.17 -13.76 7.16
C LYS A 20 10.22 -12.93 5.88
N GLU A 21 9.11 -12.93 5.15
CA GLU A 21 8.95 -12.04 3.99
C GLU A 21 7.78 -11.12 4.28
N ALA A 22 7.85 -9.90 3.77
CA ALA A 22 6.78 -8.95 3.97
C ALA A 22 6.67 -8.01 2.81
N LEU A 23 5.48 -7.43 2.65
CA LEU A 23 5.20 -6.49 1.57
C LEU A 23 5.44 -5.04 2.01
N LEU A 24 6.28 -4.31 1.28
CA LEU A 24 6.45 -2.86 1.50
C LEU A 24 5.21 -2.14 1.01
N ASN A 25 4.41 -1.62 1.96
CA ASN A 25 3.05 -1.15 1.65
C ASN A 25 2.83 0.29 2.08
N THR A 26 2.98 1.21 1.12
CA THR A 26 2.85 2.62 1.41
C THR A 26 1.42 3.02 1.71
N GLY A 27 0.49 2.11 1.43
CA GLY A 27 -0.94 2.29 1.77
C GLY A 27 -1.27 1.89 3.19
N ALA A 28 -0.32 1.30 3.91
CA ALA A 28 -0.57 0.83 5.28
C ALA A 28 0.10 1.78 6.28
N ASP A 29 -0.65 2.23 7.28
CA ASP A 29 -0.07 3.16 8.26
C ASP A 29 0.91 2.39 9.14
N ASP A 30 0.52 1.15 9.48
CA ASP A 30 1.19 0.34 10.49
C ASP A 30 1.74 -0.95 9.87
N THR A 31 2.67 -1.56 10.60
CA THR A 31 3.30 -2.82 10.21
C THR A 31 2.55 -3.94 10.93
N VAL A 32 2.09 -4.94 10.17
CA VAL A 32 1.30 -6.06 10.74
C VAL A 32 1.90 -7.36 10.25
N LEU A 33 2.29 -8.20 11.21
CA LEU A 33 2.93 -9.46 10.88
C LEU A 33 2.18 -10.60 11.52
N GLU A 34 2.15 -11.74 10.85
CA GLU A 34 1.56 -12.95 11.45
C GLU A 34 2.61 -13.84 12.03
N GLU A 35 2.25 -14.54 13.10
CA GLU A 35 3.06 -15.63 13.66
C GLU A 35 4.49 -15.24 14.01
N VAL A 36 4.61 -14.27 14.91
CA VAL A 36 5.90 -13.98 15.48
C VAL A 36 5.79 -13.94 16.99
N ASN A 37 6.74 -14.59 17.63
CA ASN A 37 6.79 -14.61 19.06
C ASN A 37 7.83 -13.55 19.39
N LEU A 38 7.32 -12.45 19.94
CA LEU A 38 8.16 -11.36 20.37
C LEU A 38 8.16 -11.37 21.88
N PRO A 39 9.30 -11.01 22.48
CA PRO A 39 9.43 -10.93 23.93
C PRO A 39 9.03 -9.55 24.42
N GLY A 40 8.81 -9.39 25.70
CA GLY A 40 8.48 -8.03 26.17
C GLY A 40 7.01 -7.63 26.02
N ARG A 41 6.72 -6.37 26.35
CA ARG A 41 5.36 -5.98 26.68
C ARG A 41 4.56 -5.71 25.42
N TRP A 42 3.26 -5.96 25.50
CA TRP A 42 2.35 -5.62 24.42
C TRP A 42 1.01 -5.15 24.99
N LYS A 43 0.21 -4.52 24.14
CA LYS A 43 -1.16 -4.15 24.51
C LYS A 43 -2.04 -4.46 23.31
N PRO A 44 -3.30 -4.83 23.56
CA PRO A 44 -4.18 -5.08 22.42
C PRO A 44 -4.53 -3.80 21.65
N LYS A 45 -4.75 -3.94 20.35
CA LYS A 45 -5.10 -2.81 19.50
C LYS A 45 -6.08 -3.29 18.45
N LEU A 46 -7.08 -2.46 18.17
CA LEU A 46 -8.01 -2.75 17.07
C LEU A 46 -7.59 -2.03 15.81
N ILE A 47 -7.49 -2.77 14.72
CA ILE A 47 -7.15 -2.20 13.41
C ILE A 47 -8.20 -2.57 12.36
N GLY A 48 -8.00 -2.10 11.12
CA GLY A 48 -8.98 -2.31 10.06
C GLY A 48 -10.14 -1.41 10.39
N GLY A 49 -11.35 -1.95 10.39
CA GLY A 49 -12.56 -1.14 10.59
C GLY A 49 -13.61 -1.41 9.53
N ILE A 50 -13.24 -2.13 8.48
CA ILE A 50 -14.21 -2.61 7.48
C ILE A 50 -14.71 -3.98 7.92
N GLY A 51 -16.04 -4.13 8.10
CA GLY A 51 -16.71 -5.41 8.46
C GLY A 51 -16.67 -5.75 9.95
N GLY A 52 -15.96 -4.90 10.66
CA GLY A 52 -15.65 -5.06 12.06
C GLY A 52 -14.21 -4.63 12.17
N PHE A 53 -13.62 -4.94 13.31
CA PHE A 53 -12.22 -4.66 13.53
C PHE A 53 -11.47 -5.98 13.67
N VAL A 54 -10.15 -5.92 13.54
CA VAL A 54 -9.28 -7.05 13.83
C VAL A 54 -8.45 -6.63 15.05
N LYS A 55 -8.34 -7.52 16.03
CA LYS A 55 -7.53 -7.27 17.23
C LYS A 55 -6.14 -7.87 17.02
N VAL A 56 -5.13 -7.04 17.31
CA VAL A 56 -3.74 -7.46 17.18
C VAL A 56 -3.02 -7.12 18.48
N ARG A 57 -1.82 -7.65 18.65
CA ARG A 57 -0.97 -7.25 19.76
C ARG A 57 0.02 -6.20 19.29
N GLN A 58 0.02 -5.06 19.98
CA GLN A 58 0.95 -3.97 19.68
C GLN A 58 2.20 -4.04 20.55
N TYR A 59 3.35 -4.23 19.91
CA TYR A 59 4.65 -4.23 20.56
C TYR A 59 5.38 -2.98 20.11
N ASP A 60 5.74 -2.13 21.07
CA ASP A 60 6.52 -0.95 20.75
C ASP A 60 8.01 -1.22 20.78
N GLN A 61 8.73 -0.44 19.97
CA GLN A 61 10.18 -0.40 19.96
C GLN A 61 10.77 -1.79 19.76
N VAL A 62 10.33 -2.46 18.70
CA VAL A 62 10.82 -3.77 18.37
C VAL A 62 11.98 -3.64 17.40
N PRO A 63 13.11 -4.30 17.69
CA PRO A 63 14.20 -4.31 16.71
C PRO A 63 13.82 -5.19 15.53
N ILE A 64 14.02 -4.70 14.31
CA ILE A 64 13.63 -5.47 13.14
C ILE A 64 14.62 -5.13 12.04
N GLU A 65 14.98 -6.10 11.22
CA GLU A 65 15.90 -5.85 10.14
C GLU A 65 15.10 -5.97 8.86
N ILE A 66 15.20 -4.95 8.00
CA ILE A 66 14.38 -4.93 6.78
C ILE A 66 15.33 -4.78 5.61
N CYS A 67 15.41 -5.82 4.78
CA CYS A 67 16.29 -5.76 3.65
C CYS A 67 17.71 -5.34 4.11
N GLY A 68 18.14 -5.87 5.26
CA GLY A 68 19.49 -5.59 5.77
C GLY A 68 19.65 -4.33 6.61
N HIS A 69 18.58 -3.55 6.73
CA HIS A 69 18.58 -2.28 7.47
C HIS A 69 18.04 -2.54 8.87
N LYS A 70 18.88 -2.39 9.90
CA LYS A 70 18.44 -2.64 11.28
C LYS A 70 17.80 -1.38 11.84
N VAL A 71 16.53 -1.49 12.18
CA VAL A 71 15.77 -0.38 12.73
C VAL A 71 14.97 -0.82 13.97
N ILE A 72 14.23 0.14 14.52
CA ILE A 72 13.32 -0.10 15.65
C ILE A 72 11.94 0.52 15.32
N GLY A 73 10.87 -0.20 15.64
CA GLY A 73 9.56 0.39 15.48
C GLY A 73 8.48 -0.47 16.04
N THR A 74 7.28 0.06 15.99
CA THR A 74 6.10 -0.62 16.49
C THR A 74 5.72 -1.72 15.50
N VAL A 75 5.45 -2.92 16.01
CA VAL A 75 5.05 -4.05 15.17
C VAL A 75 3.76 -4.56 15.77
N LEU A 76 2.73 -4.68 14.93
CA LEU A 76 1.45 -5.27 15.37
C LEU A 76 1.50 -6.73 14.94
N VAL A 77 1.18 -7.62 15.85
CA VAL A 77 1.25 -9.04 15.56
C VAL A 77 -0.17 -9.60 15.64
N GLY A 78 -0.62 -10.20 14.56
CA GLY A 78 -1.96 -10.75 14.55
C GLY A 78 -2.33 -11.18 13.15
N PRO A 79 -3.61 -11.50 12.97
CA PRO A 79 -4.00 -12.07 11.69
C PRO A 79 -3.98 -11.03 10.60
N THR A 80 -3.38 -11.41 9.48
CA THR A 80 -3.29 -10.59 8.29
C THR A 80 -3.06 -11.54 7.11
N PRO A 81 -3.75 -11.28 5.99
CA PRO A 81 -3.57 -12.15 4.80
C PRO A 81 -2.15 -12.13 4.31
N THR A 82 -1.43 -11.01 4.48
CA THR A 82 -0.01 -10.97 4.10
C THR A 82 0.74 -10.10 5.11
N ASN A 83 1.98 -10.48 5.43
CA ASN A 83 2.86 -9.66 6.27
C ASN A 83 3.10 -8.35 5.58
N VAL A 84 2.92 -7.25 6.30
CA VAL A 84 2.99 -5.92 5.70
C VAL A 84 3.95 -5.03 6.48
N ILE A 85 4.90 -4.40 5.79
CA ILE A 85 5.70 -3.33 6.39
C ILE A 85 5.01 -2.03 6.02
N GLY A 86 4.52 -1.31 7.02
CA GLY A 86 3.78 -0.06 6.80
C GLY A 86 4.68 1.15 6.85
N ARG A 87 4.07 2.32 6.70
CA ARG A 87 4.83 3.59 6.67
C ARG A 87 5.65 3.77 7.94
N ASN A 88 5.13 3.31 9.07
CA ASN A 88 5.87 3.51 10.32
C ASN A 88 7.32 2.99 10.27
N LEU A 89 7.56 1.85 9.61
CA LEU A 89 8.90 1.27 9.52
C LEU A 89 9.61 1.70 8.25
N MET A 90 8.84 2.00 7.20
CA MET A 90 9.47 2.55 6.00
C MET A 90 10.14 3.89 6.31
N THR A 91 9.55 4.70 7.19
CA THR A 91 10.25 5.93 7.56
C THR A 91 11.58 5.67 8.26
N GLN A 92 11.62 4.62 9.08
CA GLN A 92 12.81 4.31 9.84
C GLN A 92 13.96 3.88 8.96
N ILE A 93 13.66 3.13 7.90
CA ILE A 93 14.71 2.71 6.96
C ILE A 93 15.07 3.78 5.91
N GLY A 94 14.34 4.90 5.92
CA GLY A 94 14.62 5.99 5.00
C GLY A 94 14.06 5.74 3.61
N CYS A 95 13.03 4.93 3.53
CA CYS A 95 12.42 4.60 2.26
C CYS A 95 11.54 5.74 1.74
N THR A 96 11.76 6.16 0.48
CA THR A 96 10.95 7.21 -0.13
C THR A 96 10.35 6.70 -1.44
N LEU A 97 9.30 7.37 -1.92
CA LEU A 97 8.77 7.15 -3.27
C LEU A 97 9.36 8.21 -4.17
N ASN A 98 9.89 7.79 -5.30
CA ASN A 98 10.58 8.71 -6.20
C ASN A 98 10.07 8.56 -7.63
N PHE A 99 9.69 9.69 -8.23
CA PHE A 99 9.42 9.75 -9.67
C PHE A 99 9.58 11.18 -10.25
N PRO B 1 9.24 14.12 -7.97
CA PRO B 1 9.26 14.41 -6.54
C PRO B 1 9.88 13.25 -5.78
N GLN B 2 10.43 13.54 -4.60
CA GLN B 2 10.79 12.51 -3.65
C GLN B 2 9.83 12.68 -2.49
N ILE B 3 9.10 11.61 -2.17
CA ILE B 3 8.01 11.66 -1.20
C ILE B 3 8.39 10.82 0.00
N THR B 4 8.54 11.48 1.15
CA THR B 4 8.83 10.73 2.35
C THR B 4 7.52 10.20 2.91
N LEU B 5 7.60 9.23 3.81
CA LEU B 5 6.43 8.49 4.18
C LEU B 5 5.95 8.74 5.61
N TRP B 6 6.35 9.90 6.15
CA TRP B 6 5.84 10.28 7.49
C TRP B 6 4.34 10.53 7.53
N GLN B 7 3.77 11.01 6.40
CA GLN B 7 2.35 11.16 6.23
C GLN B 7 1.91 10.25 5.08
N ARG B 8 0.61 10.05 4.95
CA ARG B 8 0.05 9.31 3.81
C ARG B 8 0.42 9.98 2.49
N PRO B 9 0.95 9.21 1.51
CA PRO B 9 1.37 9.77 0.23
C PRO B 9 0.16 10.04 -0.70
N ILE B 10 -0.59 11.09 -0.35
CA ILE B 10 -1.76 11.52 -1.12
C ILE B 10 -1.28 12.54 -2.16
N VAL B 11 -1.64 12.30 -3.42
CA VAL B 11 -1.26 13.17 -4.53
C VAL B 11 -2.50 13.62 -5.30
N THR B 12 -2.35 14.71 -6.04
CA THR B 12 -3.41 15.19 -6.91
C THR B 12 -3.33 14.46 -8.26
N ILE B 13 -4.51 14.09 -8.78
CA ILE B 13 -4.60 13.47 -10.10
C ILE B 13 -5.62 14.21 -10.95
N LYS B 14 -5.53 14.06 -12.27
CA LYS B 14 -6.57 14.55 -13.16
C LYS B 14 -7.06 13.37 -13.96
N ILE B 15 -8.35 13.10 -13.86
CA ILE B 15 -8.92 11.97 -14.57
C ILE B 15 -10.37 12.28 -15.00
N GLY B 16 -10.73 11.89 -16.22
CA GLY B 16 -12.08 12.14 -16.73
C GLY B 16 -12.47 13.61 -16.62
N GLY B 17 -11.52 14.50 -16.79
CA GLY B 17 -11.78 15.94 -16.70
C GLY B 17 -11.96 16.52 -15.29
N GLN B 18 -11.64 15.74 -14.25
CA GLN B 18 -11.84 16.19 -12.87
C GLN B 18 -10.53 16.13 -12.12
N LEU B 19 -10.35 17.02 -11.14
CA LEU B 19 -9.24 16.91 -10.20
C LEU B 19 -9.70 16.07 -9.04
N LYS B 20 -8.84 15.16 -8.61
CA LYS B 20 -9.15 14.26 -7.50
C LYS B 20 -7.87 14.11 -6.72
N GLU B 21 -7.97 13.52 -5.54
CA GLU B 21 -6.79 13.13 -4.76
C GLU B 21 -6.82 11.63 -4.60
N ALA B 22 -5.63 11.03 -4.54
CA ALA B 22 -5.54 9.59 -4.40
C ALA B 22 -4.28 9.22 -3.65
N LEU B 23 -4.32 8.03 -3.06
CA LEU B 23 -3.22 7.49 -2.26
C LEU B 23 -2.26 6.64 -3.12
N LEU B 24 -0.98 6.97 -3.15
CA LEU B 24 0.04 6.13 -3.81
C LEU B 24 0.24 4.88 -2.94
N ASN B 25 -0.23 3.74 -3.44
CA ASN B 25 -0.33 2.53 -2.62
C ASN B 25 0.42 1.34 -3.21
N THR B 26 1.65 1.13 -2.73
CA THR B 26 2.48 0.07 -3.27
C THR B 26 1.95 -1.30 -2.89
N GLY B 27 1.02 -1.34 -1.94
CA GLY B 27 0.31 -2.58 -1.54
C GLY B 27 -0.85 -2.95 -2.44
N ALA B 28 -1.23 -2.06 -3.36
CA ALA B 28 -2.36 -2.31 -4.25
C ALA B 28 -1.87 -2.69 -5.65
N ASP B 29 -2.37 -3.77 -6.21
CA ASP B 29 -1.95 -4.18 -7.54
C ASP B 29 -2.55 -3.20 -8.55
N ASP B 30 -3.80 -2.80 -8.28
CA ASP B 30 -4.61 -2.06 -9.25
C ASP B 30 -4.99 -0.68 -8.72
N THR B 31 -5.36 0.21 -9.64
CA THR B 31 -5.81 1.55 -9.30
C THR B 31 -7.33 1.52 -9.22
N VAL B 32 -7.89 2.03 -8.12
CA VAL B 32 -9.35 1.99 -7.90
C VAL B 32 -9.80 3.37 -7.48
N LEU B 33 -10.73 3.94 -8.24
CA LEU B 33 -11.19 5.29 -7.97
C LEU B 33 -12.69 5.28 -7.81
N GLU B 34 -13.21 6.15 -6.96
CA GLU B 34 -14.65 6.23 -6.82
C GLU B 34 -15.15 7.48 -7.51
N GLU B 35 -16.34 7.37 -8.12
CA GLU B 35 -17.07 8.51 -8.72
C GLU B 35 -16.31 9.25 -9.83
N VAL B 36 -16.01 8.52 -10.89
CA VAL B 36 -15.47 9.15 -12.07
C VAL B 36 -16.29 8.72 -13.27
N ASN B 37 -16.60 9.68 -14.12
CA ASN B 37 -17.29 9.31 -15.32
C ASN B 37 -16.25 9.26 -16.42
N LEU B 38 -15.99 8.04 -16.87
CA LEU B 38 -15.05 7.84 -17.94
C LEU B 38 -15.84 7.48 -19.18
N PRO B 39 -15.38 7.95 -20.34
CA PRO B 39 -16.04 7.62 -21.60
C PRO B 39 -15.49 6.31 -22.16
N GLY B 40 -16.17 5.73 -23.13
CA GLY B 40 -15.60 4.51 -23.73
C GLY B 40 -15.82 3.23 -22.93
N ARG B 41 -15.22 2.15 -23.40
CA ARG B 41 -15.65 0.81 -23.05
C ARG B 41 -15.15 0.36 -21.68
N TRP B 42 -15.96 -0.45 -21.02
CA TRP B 42 -15.59 -1.06 -19.75
C TRP B 42 -16.13 -2.49 -19.66
N LYS B 43 -15.58 -3.25 -18.71
CA LYS B 43 -16.16 -4.54 -18.38
C LYS B 43 -16.17 -4.70 -16.88
N PRO B 44 -17.14 -5.46 -16.32
CA PRO B 44 -17.11 -5.62 -14.87
C PRO B 44 -15.96 -6.50 -14.40
N LYS B 45 -15.47 -6.23 -13.19
CA LYS B 45 -14.34 -6.97 -12.60
C LYS B 45 -14.63 -7.13 -11.12
N LEU B 46 -14.31 -8.31 -10.60
CA LEU B 46 -14.39 -8.55 -9.15
C LEU B 46 -13.01 -8.34 -8.54
N ILE B 47 -12.96 -7.53 -7.49
CA ILE B 47 -11.71 -7.28 -6.77
C ILE B 47 -11.91 -7.52 -5.27
N GLY B 48 -10.82 -7.37 -4.50
CA GLY B 48 -10.83 -7.74 -3.08
C GLY B 48 -10.86 -9.24 -3.01
N GLY B 49 -11.83 -9.76 -2.28
CA GLY B 49 -11.92 -11.19 -2.02
C GLY B 49 -12.05 -11.53 -0.55
N ILE B 50 -11.92 -10.53 0.32
CA ILE B 50 -12.18 -10.76 1.74
C ILE B 50 -13.59 -10.28 2.10
N GLY B 51 -14.40 -11.19 2.67
CA GLY B 51 -15.81 -10.96 3.06
C GLY B 51 -16.81 -11.10 1.92
N GLY B 52 -16.24 -11.29 0.73
CA GLY B 52 -16.97 -11.36 -0.53
C GLY B 52 -16.06 -10.64 -1.49
N PHE B 53 -16.60 -10.28 -2.63
CA PHE B 53 -15.85 -9.48 -3.60
C PHE B 53 -16.58 -8.16 -3.75
N VAL B 54 -15.86 -7.18 -4.30
CA VAL B 54 -16.46 -5.93 -4.71
C VAL B 54 -16.39 -5.89 -6.24
N LYS B 55 -17.50 -5.50 -6.88
CA LYS B 55 -17.55 -5.37 -8.34
C LYS B 55 -17.25 -3.93 -8.73
N VAL B 56 -16.34 -3.78 -9.70
CA VAL B 56 -15.94 -2.46 -10.21
C VAL B 56 -16.02 -2.49 -11.74
N ARG B 57 -15.95 -1.32 -12.36
CA ARG B 57 -15.88 -1.25 -13.82
C ARG B 57 -14.43 -1.08 -14.22
N GLN B 58 -13.97 -2.00 -15.06
CA GLN B 58 -12.59 -1.92 -15.58
C GLN B 58 -12.54 -1.18 -16.92
N TYR B 59 -11.83 -0.04 -16.92
CA TYR B 59 -11.57 0.74 -18.11
C TYR B 59 -10.11 0.60 -18.45
N ASP B 60 -9.81 0.08 -19.64
CA ASP B 60 -8.43 -0.01 -20.08
C ASP B 60 -7.95 1.25 -20.78
N GLN B 61 -6.64 1.49 -20.69
CA GLN B 61 -5.96 2.54 -21.45
C GLN B 61 -6.63 3.89 -21.24
N VAL B 62 -6.74 4.28 -19.97
CA VAL B 62 -7.32 5.55 -19.60
C VAL B 62 -6.20 6.57 -19.43
N PRO B 63 -6.31 7.72 -20.10
CA PRO B 63 -5.35 8.78 -19.83
C PRO B 63 -5.57 9.37 -18.45
N ILE B 64 -4.49 9.55 -17.70
CA ILE B 64 -4.60 10.05 -16.34
C ILE B 64 -3.34 10.82 -16.03
N GLU B 65 -3.47 11.92 -15.31
CA GLU B 65 -2.31 12.71 -14.95
C GLU B 65 -2.11 12.52 -13.46
N ILE B 66 -0.88 12.18 -13.05
CA ILE B 66 -0.64 11.92 -11.63
C ILE B 66 0.50 12.78 -11.21
N CYS B 67 0.20 13.70 -10.29
CA CYS B 67 1.20 14.63 -9.84
C CYS B 67 1.91 15.25 -11.05
N GLY B 68 1.15 15.63 -12.09
CA GLY B 68 1.73 16.29 -13.27
C GLY B 68 2.29 15.41 -14.38
N HIS B 69 2.34 14.10 -14.12
CA HIS B 69 2.86 13.11 -15.09
C HIS B 69 1.71 12.50 -15.88
N LYS B 70 1.68 12.74 -17.18
CA LYS B 70 0.59 12.23 -18.02
C LYS B 70 0.93 10.83 -18.46
N VAL B 71 0.11 9.88 -18.05
CA VAL B 71 0.30 8.48 -18.39
C VAL B 71 -1.01 7.84 -18.88
N ILE B 72 -0.94 6.55 -19.20
CA ILE B 72 -2.08 5.75 -19.60
C ILE B 72 -2.08 4.45 -18.80
N GLY B 73 -3.26 4.05 -18.31
CA GLY B 73 -3.34 2.77 -17.64
C GLY B 73 -4.75 2.36 -17.36
N THR B 74 -4.87 1.14 -16.84
CA THR B 74 -6.16 0.60 -16.48
C THR B 74 -6.63 1.28 -15.19
N VAL B 75 -7.89 1.71 -15.18
CA VAL B 75 -8.48 2.31 -13.97
C VAL B 75 -9.74 1.55 -13.67
N LEU B 76 -9.86 1.11 -12.42
CA LEU B 76 -11.07 0.41 -11.95
C LEU B 76 -11.90 1.48 -11.25
N VAL B 77 -13.18 1.55 -11.60
CA VAL B 77 -14.05 2.57 -11.03
C VAL B 77 -15.16 1.89 -10.25
N GLY B 78 -15.22 2.20 -8.96
CA GLY B 78 -16.24 1.58 -8.13
C GLY B 78 -15.99 1.92 -6.69
N PRO B 79 -16.68 1.20 -5.80
CA PRO B 79 -16.61 1.59 -4.39
C PRO B 79 -15.27 1.23 -3.79
N THR B 80 -14.74 2.20 -3.06
CA THR B 80 -13.47 2.08 -2.38
C THR B 80 -13.49 3.16 -1.30
N PRO B 81 -13.03 2.83 -0.09
CA PRO B 81 -12.97 3.81 1.00
C PRO B 81 -12.02 4.95 0.69
N THR B 82 -11.00 4.69 -0.13
CA THR B 82 -9.95 5.66 -0.46
C THR B 82 -9.64 5.51 -1.94
N ASN B 83 -9.56 6.61 -2.71
CA ASN B 83 -8.99 6.55 -4.07
C ASN B 83 -7.56 6.09 -4.00
N VAL B 84 -7.21 5.08 -4.78
CA VAL B 84 -5.90 4.47 -4.66
C VAL B 84 -5.24 4.39 -6.02
N ILE B 85 -3.99 4.87 -6.10
CA ILE B 85 -3.14 4.63 -7.29
C ILE B 85 -2.34 3.38 -6.97
N GLY B 86 -2.52 2.33 -7.77
CA GLY B 86 -1.82 1.07 -7.50
C GLY B 86 -0.56 0.95 -8.32
N ARG B 87 0.10 -0.20 -8.17
CA ARG B 87 1.38 -0.42 -8.86
C ARG B 87 1.22 -0.29 -10.38
N ASN B 88 0.05 -0.63 -10.92
CA ASN B 88 -0.08 -0.57 -12.37
C ASN B 88 0.21 0.83 -12.92
N LEU B 89 -0.19 1.89 -12.21
CA LEU B 89 0.04 3.26 -12.67
C LEU B 89 1.33 3.83 -12.09
N MET B 90 1.75 3.32 -10.93
CA MET B 90 3.06 3.77 -10.43
C MET B 90 4.19 3.32 -11.36
N THR B 91 4.05 2.17 -12.01
CA THR B 91 5.08 1.78 -12.98
C THR B 91 5.13 2.75 -14.17
N GLN B 92 3.96 3.21 -14.58
CA GLN B 92 3.86 4.09 -15.75
C GLN B 92 4.54 5.44 -15.51
N ILE B 93 4.39 5.97 -14.30
CA ILE B 93 5.03 7.26 -13.96
C ILE B 93 6.51 7.11 -13.55
N GLY B 94 6.99 5.86 -13.47
CA GLY B 94 8.38 5.58 -13.13
C GLY B 94 8.66 5.71 -11.66
N CYS B 95 7.64 5.46 -10.85
CA CYS B 95 7.78 5.55 -9.40
C CYS B 95 8.50 4.32 -8.83
N THR B 96 9.54 4.57 -8.03
CA THR B 96 10.25 3.49 -7.35
C THR B 96 10.28 3.71 -5.84
N LEU B 97 10.52 2.62 -5.11
CA LEU B 97 10.84 2.71 -3.67
C LEU B 97 12.35 2.74 -3.51
N ASN B 98 12.86 3.71 -2.76
CA ASN B 98 14.30 3.87 -2.62
C ASN B 98 14.70 3.97 -1.15
N PHE B 99 15.67 3.14 -0.74
CA PHE B 99 16.32 3.28 0.57
C PHE B 99 17.73 2.67 0.60
#